data_9KPJ
#
_entry.id   9KPJ
#
_cell.length_a   29.586
_cell.length_b   168.571
_cell.length_c   132.206
_cell.angle_alpha   90.00
_cell.angle_beta   90.00
_cell.angle_gamma   90.00
#
_symmetry.space_group_name_H-M   'C 2 2 21'
#
loop_
_entity.id
_entity.type
_entity.pdbx_description
1 polymer 'Methyl-accepting chemotaxis protein TlpA'
2 non-polymer INDOLE
3 non-polymer 1,2-ETHANEDIOL
4 water water
#
_entity_poly.entity_id   1
_entity_poly.type   'polypeptide(L)'
_entity_poly.pdbx_seq_one_letter_code
;MGSSHHHHHHSSGLVPRGSHMVSLNSRVKEILKENTLRSMQDSLHFKVKEVQGVLENTYTSMGIVKEMLPKDTKREIKIH
LLKNFILANSHVAGVSMFFKNREDLRLTLLRDNDTIKLMENPSLGNNPLAQKAMKNKEISKSLPYYRKMPNGAEVYGVDI
LLPLLNENAQEVVGALMVFISIDSFSNEITKNRSDLFLIGVKGKVLLSANKSLQDKPIAEIYKSVPKATNEVLTILENGS
KATLEYLDPFSHKENFLAVETFKMLGKAESKDNLNWMIALIIEKDKVYEQVGS
;
_entity_poly.pdbx_strand_id   A
#
loop_
_chem_comp.id
_chem_comp.type
_chem_comp.name
_chem_comp.formula
EDO non-polymer 1,2-ETHANEDIOL 'C2 H6 O2'
IND non-polymer INDOLE 'C8 H7 N'
#
# COMPACT_ATOMS: atom_id res chain seq x y z
N ASN A 25 2.15 43.06 -8.19
CA ASN A 25 2.39 42.22 -7.02
C ASN A 25 1.42 41.04 -7.00
N SER A 26 0.25 41.21 -7.62
CA SER A 26 -0.60 40.07 -7.93
C SER A 26 0.11 39.14 -8.91
N ARG A 27 0.83 39.71 -9.87
CA ARG A 27 1.65 38.89 -10.75
C ARG A 27 2.84 38.30 -10.02
N VAL A 28 3.29 38.92 -8.92
CA VAL A 28 4.32 38.34 -8.08
C VAL A 28 3.82 37.04 -7.47
N LYS A 29 2.67 37.10 -6.79
CA LYS A 29 2.08 35.90 -6.21
C LYS A 29 1.86 34.81 -7.26
N GLU A 30 1.42 35.20 -8.46
CA GLU A 30 1.12 34.20 -9.47
C GLU A 30 2.37 33.45 -9.88
N ILE A 31 3.51 34.14 -9.99
CA ILE A 31 4.72 33.44 -10.42
C ILE A 31 5.36 32.67 -9.25
N LEU A 32 5.21 33.15 -8.02
CA LEU A 32 5.55 32.37 -6.84
C LEU A 32 4.74 31.10 -6.77
N LYS A 33 3.43 31.21 -6.97
CA LYS A 33 2.56 30.04 -6.95
C LYS A 33 2.96 29.01 -7.99
N GLU A 34 3.21 29.46 -9.23
CA GLU A 34 3.59 28.52 -10.29
C GLU A 34 4.86 27.76 -9.89
N ASN A 35 5.86 28.50 -9.43
CA ASN A 35 7.14 27.91 -9.03
C ASN A 35 6.95 26.90 -7.91
N THR A 36 6.15 27.26 -6.90
CA THR A 36 5.89 26.38 -5.77
C THR A 36 5.14 25.13 -6.21
N LEU A 37 4.10 25.30 -7.03
CA LEU A 37 3.32 24.15 -7.49
C LEU A 37 4.19 23.19 -8.31
N ARG A 38 5.00 23.71 -9.22
CA ARG A 38 5.88 22.85 -10.00
C ARG A 38 6.85 22.07 -9.12
N SER A 39 7.50 22.75 -8.16
CA SER A 39 8.42 22.05 -7.27
C SER A 39 7.71 21.00 -6.42
N MET A 40 6.43 21.26 -6.03
CA MET A 40 5.64 20.25 -5.32
C MET A 40 5.40 19.03 -6.19
N GLN A 41 5.10 19.26 -7.47
CA GLN A 41 4.91 18.13 -8.37
C GLN A 41 6.20 17.34 -8.55
N ASP A 42 7.35 18.02 -8.65
CA ASP A 42 8.63 17.33 -8.72
C ASP A 42 8.89 16.53 -7.46
N SER A 43 8.72 17.15 -6.30
CA SER A 43 8.98 16.48 -5.04
C SER A 43 8.06 15.28 -4.85
N LEU A 44 6.79 15.44 -5.25
CA LEU A 44 5.82 14.37 -5.11
C LEU A 44 6.14 13.23 -6.05
N HIS A 45 6.58 13.52 -7.26
CA HIS A 45 6.91 12.44 -8.20
C HIS A 45 8.09 11.61 -7.70
N PHE A 46 9.12 12.25 -7.13
CA PHE A 46 10.21 11.46 -6.56
C PHE A 46 9.70 10.61 -5.40
N LYS A 47 8.77 11.14 -4.61
CA LYS A 47 8.23 10.39 -3.49
C LYS A 47 7.39 9.20 -3.98
N VAL A 48 6.56 9.41 -5.01
CA VAL A 48 5.83 8.28 -5.62
C VAL A 48 6.78 7.21 -6.16
N LYS A 49 7.84 7.65 -6.83
CA LYS A 49 8.83 6.69 -7.32
C LYS A 49 9.44 5.90 -6.15
N GLU A 50 9.69 6.55 -5.02
CA GLU A 50 10.24 5.84 -3.86
C GLU A 50 9.27 4.76 -3.36
N VAL A 51 8.00 5.11 -3.20
CA VAL A 51 6.99 4.18 -2.69
C VAL A 51 6.75 3.05 -3.69
N GLN A 52 6.63 3.38 -4.98
CA GLN A 52 6.51 2.35 -6.01
C GLN A 52 7.68 1.38 -5.95
N GLY A 53 8.90 1.90 -5.81
CA GLY A 53 10.06 1.03 -5.82
C GLY A 53 10.08 0.08 -4.64
N VAL A 54 9.56 0.52 -3.50
CA VAL A 54 9.41 -0.36 -2.36
C VAL A 54 8.46 -1.51 -2.69
N LEU A 55 7.31 -1.18 -3.28
CA LEU A 55 6.35 -2.19 -3.69
C LEU A 55 6.94 -3.13 -4.74
N GLU A 56 7.56 -2.57 -5.78
CA GLU A 56 8.12 -3.40 -6.85
C GLU A 56 9.16 -4.37 -6.34
N ASN A 57 10.04 -3.93 -5.43
CA ASN A 57 11.04 -4.83 -4.87
C ASN A 57 10.38 -5.95 -4.10
N THR A 58 9.34 -5.64 -3.31
CA THR A 58 8.60 -6.68 -2.62
C THR A 58 7.96 -7.65 -3.60
N TYR A 59 7.34 -7.13 -4.66
CA TYR A 59 6.74 -8.01 -5.67
C TYR A 59 7.79 -8.90 -6.32
N THR A 60 8.97 -8.36 -6.63
CA THR A 60 10.05 -9.18 -7.16
C THR A 60 10.45 -10.26 -6.17
N SER A 61 10.56 -9.90 -4.88
CA SER A 61 10.88 -10.90 -3.88
C SER A 61 9.81 -11.97 -3.79
N MET A 62 8.54 -11.56 -3.83
CA MET A 62 7.44 -12.52 -3.84
C MET A 62 7.52 -13.46 -5.04
N GLY A 63 7.84 -12.91 -6.21
CA GLY A 63 7.98 -13.74 -7.40
C GLY A 63 9.00 -14.85 -7.23
N ILE A 64 10.10 -14.56 -6.53
CA ILE A 64 11.13 -15.56 -6.31
C ILE A 64 10.66 -16.61 -5.30
N VAL A 65 9.97 -16.17 -4.25
CA VAL A 65 9.40 -17.12 -3.30
C VAL A 65 8.36 -17.99 -4.00
N LYS A 66 7.56 -17.38 -4.88
CA LYS A 66 6.51 -18.14 -5.57
C LYS A 66 7.09 -19.30 -6.37
N GLU A 67 8.26 -19.11 -6.99
CA GLU A 67 8.91 -20.17 -7.76
C GLU A 67 9.53 -21.23 -6.86
N MET A 68 10.12 -20.81 -5.75
CA MET A 68 10.89 -21.74 -4.92
C MET A 68 10.00 -22.60 -4.03
N LEU A 69 8.89 -22.06 -3.54
CA LEU A 69 8.04 -22.80 -2.60
C LEU A 69 7.53 -24.13 -3.11
N PRO A 70 7.13 -24.31 -4.38
CA PRO A 70 6.55 -25.59 -4.80
C PRO A 70 7.57 -26.65 -5.16
N LYS A 71 8.86 -26.34 -5.13
CA LYS A 71 9.88 -27.36 -5.38
C LYS A 71 9.96 -28.33 -4.21
N ASP A 72 10.49 -29.52 -4.49
CA ASP A 72 10.59 -30.57 -3.48
C ASP A 72 11.65 -30.21 -2.46
N THR A 73 11.25 -29.59 -1.35
CA THR A 73 12.17 -29.18 -0.28
C THR A 73 11.63 -29.64 1.06
N LYS A 74 12.49 -29.65 2.07
CA LYS A 74 12.06 -29.92 3.43
C LYS A 74 11.06 -28.86 3.88
N ARG A 75 10.17 -29.28 4.79
CA ARG A 75 9.21 -28.32 5.35
C ARG A 75 9.94 -27.19 6.06
N GLU A 76 11.00 -27.51 6.80
CA GLU A 76 11.78 -26.49 7.51
C GLU A 76 12.47 -25.53 6.54
N ILE A 77 12.90 -26.02 5.37
CA ILE A 77 13.47 -25.14 4.36
C ILE A 77 12.43 -24.15 3.86
N LYS A 78 11.20 -24.62 3.61
CA LYS A 78 10.12 -23.72 3.21
C LYS A 78 9.86 -22.67 4.28
N ILE A 79 9.78 -23.10 5.54
CA ILE A 79 9.50 -22.16 6.63
C ILE A 79 10.60 -21.09 6.71
N HIS A 80 11.85 -21.52 6.64
CA HIS A 80 12.96 -20.58 6.75
C HIS A 80 13.02 -19.65 5.55
N LEU A 81 12.58 -20.10 4.37
CA LEU A 81 12.48 -19.21 3.22
C LEU A 81 11.46 -18.11 3.46
N LEU A 82 10.31 -18.47 4.03
CA LEU A 82 9.27 -17.47 4.31
C LEU A 82 9.72 -16.52 5.42
N LYS A 83 10.49 -17.00 6.41
CA LYS A 83 11.02 -16.12 7.44
C LYS A 83 12.01 -15.11 6.84
N ASN A 84 12.95 -15.59 6.04
CA ASN A 84 13.93 -14.71 5.42
C ASN A 84 13.25 -13.72 4.50
N PHE A 85 12.20 -14.15 3.80
CA PHE A 85 11.41 -13.25 2.97
C PHE A 85 10.90 -12.07 3.78
N ILE A 86 10.33 -12.35 4.96
CA ILE A 86 9.86 -11.29 5.85
C ILE A 86 11.03 -10.41 6.28
N LEU A 87 12.13 -11.04 6.69
CA LEU A 87 13.29 -10.29 7.18
C LEU A 87 13.85 -9.37 6.09
N ALA A 88 13.86 -9.83 4.84
CA ALA A 88 14.38 -9.03 3.74
C ALA A 88 13.42 -7.94 3.24
N ASN A 89 12.16 -7.92 3.70
CA ASN A 89 11.18 -6.96 3.21
C ASN A 89 10.54 -6.23 4.38
N SER A 90 11.01 -5.01 4.67
CA SER A 90 10.60 -4.32 5.87
C SER A 90 9.13 -3.91 5.85
N HIS A 91 8.50 -3.89 4.67
CA HIS A 91 7.11 -3.47 4.57
C HIS A 91 6.15 -4.64 4.56
N VAL A 92 6.66 -5.85 4.77
CA VAL A 92 5.85 -7.06 4.90
C VAL A 92 5.76 -7.38 6.39
N ALA A 93 4.53 -7.54 6.89
CA ALA A 93 4.34 -7.93 8.29
C ALA A 93 3.95 -9.39 8.46
N GLY A 94 3.61 -10.10 7.39
CA GLY A 94 3.24 -11.49 7.52
C GLY A 94 3.20 -12.16 6.17
N VAL A 95 3.27 -13.49 6.20
CA VAL A 95 3.16 -14.27 4.97
C VAL A 95 2.53 -15.62 5.30
N SER A 96 1.72 -16.11 4.37
CA SER A 96 1.10 -17.42 4.53
C SER A 96 1.28 -18.22 3.26
N MET A 97 1.23 -19.53 3.42
CA MET A 97 1.24 -20.45 2.29
C MET A 97 0.13 -21.48 2.51
N PHE A 98 -0.46 -21.88 1.40
CA PHE A 98 -1.50 -22.90 1.40
C PHE A 98 -1.20 -23.85 0.25
N PHE A 99 -1.29 -25.14 0.50
CA PHE A 99 -1.13 -26.17 -0.53
C PHE A 99 -2.38 -27.04 -0.56
N LYS A 100 -2.91 -27.28 -1.77
CA LYS A 100 -4.11 -28.10 -1.90
C LYS A 100 -3.88 -29.52 -1.40
N ASN A 101 -2.71 -30.09 -1.69
CA ASN A 101 -2.43 -31.50 -1.42
C ASN A 101 -1.69 -31.72 -0.11
N ARG A 102 -1.48 -30.70 0.71
CA ARG A 102 -0.62 -30.83 1.89
C ARG A 102 -1.19 -30.05 3.07
N GLU A 103 -1.79 -30.77 4.02
CA GLU A 103 -2.25 -30.14 5.26
C GLU A 103 -1.12 -29.65 6.14
N ASP A 104 0.08 -30.22 6.01
CA ASP A 104 1.22 -29.80 6.82
C ASP A 104 1.85 -28.50 6.34
N LEU A 105 1.37 -27.90 5.24
CA LEU A 105 1.92 -26.64 4.75
C LEU A 105 0.82 -25.59 4.65
N ARG A 106 0.00 -25.48 5.69
CA ARG A 106 -1.05 -24.47 5.79
C ARG A 106 -0.67 -23.61 6.98
N LEU A 107 0.24 -22.67 6.74
CA LEU A 107 1.03 -22.02 7.77
C LEU A 107 1.00 -20.52 7.55
N THR A 108 1.00 -19.78 8.65
CA THR A 108 1.03 -18.33 8.64
C THR A 108 2.19 -17.88 9.52
N LEU A 109 2.95 -16.90 9.03
CA LEU A 109 4.08 -16.34 9.76
C LEU A 109 3.84 -14.85 9.92
N LEU A 110 3.95 -14.36 11.15
CA LEU A 110 3.69 -12.95 11.44
C LEU A 110 4.87 -12.38 12.21
N ARG A 111 5.20 -11.12 11.94
CA ARG A 111 6.18 -10.44 12.77
C ARG A 111 5.68 -10.45 14.21
N ASP A 112 6.61 -10.69 15.13
CA ASP A 112 6.33 -10.79 16.54
C ASP A 112 7.45 -10.03 17.27
N ASN A 113 7.49 -8.72 17.03
CA ASN A 113 8.58 -7.84 17.48
C ASN A 113 9.91 -8.35 16.90
N ASP A 114 10.82 -8.83 17.75
CA ASP A 114 12.13 -9.22 17.24
C ASP A 114 12.12 -10.53 16.46
N THR A 115 11.12 -11.38 16.64
CA THR A 115 11.09 -12.67 15.98
C THR A 115 9.90 -12.77 15.02
N ILE A 116 9.77 -13.95 14.42
CA ILE A 116 8.68 -14.25 13.52
C ILE A 116 7.95 -15.46 14.07
N LYS A 117 6.64 -15.31 14.29
CA LYS A 117 5.87 -16.37 14.93
C LYS A 117 5.20 -17.24 13.88
N LEU A 118 5.29 -18.55 14.07
CA LEU A 118 4.66 -19.55 13.22
C LEU A 118 3.32 -19.97 13.82
N MET A 119 2.29 -20.05 12.98
CA MET A 119 0.97 -20.47 13.43
C MET A 119 0.30 -21.33 12.35
N GLU A 120 -0.44 -22.33 12.81
CA GLU A 120 -1.30 -23.14 11.94
C GLU A 120 -2.54 -22.35 11.55
N ASN A 121 -2.90 -22.44 10.27
CA ASN A 121 -4.05 -21.72 9.72
C ASN A 121 -4.78 -22.63 8.75
N PRO A 122 -5.55 -23.61 9.29
CA PRO A 122 -6.07 -24.67 8.41
C PRO A 122 -7.16 -24.20 7.44
N SER A 123 -7.92 -23.15 7.77
CA SER A 123 -8.96 -22.65 6.88
C SER A 123 -8.40 -21.66 5.84
N LEU A 124 -7.07 -21.62 5.68
CA LEU A 124 -6.41 -20.63 4.85
C LEU A 124 -6.89 -20.65 3.41
N GLY A 125 -7.22 -21.83 2.88
CA GLY A 125 -7.74 -21.92 1.53
C GLY A 125 -9.24 -21.88 1.39
N ASN A 126 -9.98 -22.01 2.50
CA ASN A 126 -11.42 -22.15 2.48
C ASN A 126 -12.15 -20.82 2.62
N ASN A 127 -11.66 -19.77 1.96
CA ASN A 127 -12.33 -18.50 1.90
C ASN A 127 -12.56 -18.13 0.44
N PRO A 128 -13.59 -17.33 0.13
CA PRO A 128 -13.85 -17.01 -1.28
C PRO A 128 -12.73 -16.22 -1.95
N LEU A 129 -11.95 -15.43 -1.20
CA LEU A 129 -10.91 -14.63 -1.82
C LEU A 129 -9.71 -15.48 -2.23
N ALA A 130 -9.30 -16.43 -1.38
CA ALA A 130 -8.20 -17.32 -1.73
C ALA A 130 -8.55 -18.16 -2.96
N GLN A 131 -9.79 -18.64 -3.01
CA GLN A 131 -10.24 -19.42 -4.16
C GLN A 131 -10.24 -18.59 -5.43
N LYS A 132 -10.62 -17.32 -5.32
CA LYS A 132 -10.57 -16.40 -6.45
C LYS A 132 -9.18 -16.41 -7.09
N ALA A 133 -8.15 -16.18 -6.29
CA ALA A 133 -6.79 -16.16 -6.82
C ALA A 133 -6.41 -17.48 -7.49
N MET A 134 -6.85 -18.60 -6.91
CA MET A 134 -6.41 -19.89 -7.43
C MET A 134 -7.18 -20.32 -8.67
N LYS A 135 -8.45 -19.94 -8.77
CA LYS A 135 -9.21 -20.22 -9.98
C LYS A 135 -8.72 -19.34 -11.13
N ASN A 136 -8.43 -18.07 -10.85
CA ASN A 136 -8.10 -17.10 -11.88
C ASN A 136 -6.68 -17.24 -12.43
N LYS A 137 -5.77 -17.85 -11.67
CA LYS A 137 -4.34 -17.87 -12.00
C LYS A 137 -3.77 -16.46 -12.10
N GLU A 138 -4.26 -15.54 -11.28
CA GLU A 138 -3.82 -14.15 -11.34
C GLU A 138 -3.61 -13.59 -9.94
N ILE A 139 -2.80 -12.54 -9.87
CA ILE A 139 -2.55 -11.85 -8.61
C ILE A 139 -3.83 -11.19 -8.11
N SER A 140 -4.09 -11.32 -6.81
CA SER A 140 -5.27 -10.75 -6.19
C SER A 140 -4.86 -9.95 -4.96
N LYS A 141 -5.77 -9.09 -4.52
CA LYS A 141 -5.52 -8.10 -3.47
C LYS A 141 -6.77 -7.95 -2.64
N SER A 142 -6.60 -7.84 -1.32
CA SER A 142 -7.69 -7.53 -0.40
C SER A 142 -7.86 -6.01 -0.29
N LEU A 143 -8.89 -5.61 0.41
CA LEU A 143 -8.99 -4.22 0.79
C LEU A 143 -8.24 -3.97 2.10
N PRO A 144 -7.94 -2.72 2.45
CA PRO A 144 -7.17 -2.48 3.68
C PRO A 144 -7.95 -2.92 4.91
N TYR A 145 -7.23 -3.49 5.87
CA TYR A 145 -7.86 -3.98 7.09
C TYR A 145 -6.85 -3.99 8.22
N TYR A 146 -7.39 -4.07 9.45
CA TYR A 146 -6.59 -4.16 10.68
C TYR A 146 -6.40 -5.62 11.04
N ARG A 147 -5.15 -6.06 11.08
CA ARG A 147 -4.84 -7.43 11.45
C ARG A 147 -4.34 -7.47 12.87
N LYS A 148 -4.82 -8.46 13.63
CA LYS A 148 -4.33 -8.68 15.00
C LYS A 148 -3.05 -9.50 14.95
N MET A 149 -1.99 -8.96 15.50
CA MET A 149 -0.67 -9.57 15.49
C MET A 149 -0.48 -10.39 16.76
N PRO A 150 0.56 -11.22 16.83
CA PRO A 150 0.74 -12.06 18.03
C PRO A 150 0.75 -11.29 19.35
N ASN A 151 1.27 -10.07 19.38
CA ASN A 151 1.31 -9.33 20.64
C ASN A 151 0.00 -8.62 20.94
N GLY A 152 -1.04 -8.82 20.14
CA GLY A 152 -2.31 -8.18 20.38
C GLY A 152 -2.47 -6.81 19.76
N ALA A 153 -1.40 -6.23 19.20
CA ALA A 153 -1.54 -4.96 18.50
C ALA A 153 -2.15 -5.19 17.13
N GLU A 154 -2.71 -4.13 16.55
CA GLU A 154 -3.28 -4.21 15.23
C GLU A 154 -2.40 -3.46 14.23
N VAL A 155 -2.24 -4.06 13.06
CA VAL A 155 -1.44 -3.49 11.98
C VAL A 155 -2.36 -3.32 10.77
N TYR A 156 -2.43 -2.11 10.25
CA TYR A 156 -3.20 -1.80 9.06
C TYR A 156 -2.41 -2.20 7.82
N GLY A 157 -3.04 -2.94 6.92
CA GLY A 157 -2.35 -3.43 5.74
C GLY A 157 -3.29 -4.06 4.75
N VAL A 158 -2.72 -4.71 3.74
CA VAL A 158 -3.48 -5.36 2.69
C VAL A 158 -2.82 -6.68 2.34
N ASP A 159 -3.64 -7.66 1.98
CA ASP A 159 -3.15 -8.95 1.55
C ASP A 159 -2.96 -8.95 0.04
N ILE A 160 -1.85 -9.52 -0.41
CA ILE A 160 -1.59 -9.82 -1.82
C ILE A 160 -1.50 -11.34 -1.95
N LEU A 161 -2.21 -11.91 -2.91
CA LEU A 161 -2.24 -13.36 -3.09
C LEU A 161 -1.69 -13.71 -4.46
N LEU A 162 -0.78 -14.69 -4.50
CA LEU A 162 -0.37 -15.24 -5.78
C LEU A 162 -0.60 -16.74 -5.79
N PRO A 163 -1.11 -17.29 -6.88
CA PRO A 163 -1.25 -18.74 -6.98
C PRO A 163 0.12 -19.39 -7.06
N LEU A 164 0.24 -20.54 -6.41
CA LEU A 164 1.43 -21.37 -6.52
C LEU A 164 1.19 -22.41 -7.60
N LEU A 165 2.19 -22.62 -8.45
CA LEU A 165 2.04 -23.47 -9.62
C LEU A 165 3.02 -24.63 -9.59
N ASN A 166 2.65 -25.71 -10.27
CA ASN A 166 3.56 -26.82 -10.53
C ASN A 166 4.59 -26.41 -11.58
N GLU A 167 5.67 -27.20 -11.68
CA GLU A 167 6.78 -26.86 -12.57
C GLU A 167 6.37 -26.78 -14.03
N ASN A 168 5.25 -27.39 -14.40
CA ASN A 168 4.74 -27.36 -15.76
C ASN A 168 3.73 -26.24 -15.99
N ALA A 169 3.52 -25.38 -15.00
CA ALA A 169 2.82 -24.09 -15.08
C ALA A 169 1.38 -24.20 -15.53
N GLN A 170 0.81 -25.41 -15.59
CA GLN A 170 -0.58 -25.58 -16.00
C GLN A 170 -1.53 -25.81 -14.82
N GLU A 171 -1.03 -26.35 -13.71
CA GLU A 171 -1.86 -26.63 -12.53
C GLU A 171 -1.46 -25.71 -11.38
N VAL A 172 -2.45 -25.11 -10.74
CA VAL A 172 -2.23 -24.34 -9.52
C VAL A 172 -2.28 -25.31 -8.35
N VAL A 173 -1.19 -25.36 -7.57
CA VAL A 173 -1.10 -26.26 -6.43
C VAL A 173 -1.39 -25.56 -5.10
N GLY A 174 -1.45 -24.24 -5.08
CA GLY A 174 -1.75 -23.55 -3.83
C GLY A 174 -1.74 -22.05 -3.98
N ALA A 175 -1.43 -21.36 -2.88
CA ALA A 175 -1.48 -19.91 -2.85
C ALA A 175 -0.45 -19.37 -1.86
N LEU A 176 0.18 -18.25 -2.22
CA LEU A 176 1.01 -17.46 -1.32
C LEU A 176 0.24 -16.20 -0.97
N MET A 177 0.16 -15.87 0.33
CA MET A 177 -0.53 -14.66 0.80
C MET A 177 0.47 -13.78 1.54
N VAL A 178 0.66 -12.56 1.07
CA VAL A 178 1.63 -11.63 1.65
C VAL A 178 0.85 -10.48 2.28
N PHE A 179 1.05 -10.26 3.59
CA PHE A 179 0.45 -9.14 4.30
C PHE A 179 1.42 -7.95 4.25
N ILE A 180 1.09 -6.95 3.46
CA ILE A 180 1.89 -5.74 3.36
C ILE A 180 1.39 -4.77 4.41
N SER A 181 2.28 -4.32 5.28
CA SER A 181 1.92 -3.37 6.32
C SER A 181 1.86 -1.98 5.72
N ILE A 182 0.65 -1.40 5.70
CA ILE A 182 0.52 0.00 5.36
C ILE A 182 1.21 0.88 6.39
N ASP A 183 1.16 0.47 7.66
CA ASP A 183 1.74 1.29 8.72
C ASP A 183 3.25 1.41 8.55
N SER A 184 3.89 0.38 7.97
CA SER A 184 5.33 0.43 7.75
C SER A 184 5.71 1.46 6.69
N PHE A 185 4.75 2.00 5.94
CA PHE A 185 5.10 3.10 5.05
C PHE A 185 5.25 4.42 5.76
N SER A 186 5.16 4.43 7.08
CA SER A 186 5.55 5.59 7.87
C SER A 186 6.95 6.05 7.51
N ASN A 187 7.82 5.11 7.14
CA ASN A 187 9.18 5.45 6.77
C ASN A 187 9.21 6.42 5.60
N GLU A 188 8.30 6.25 4.65
CA GLU A 188 8.27 7.12 3.49
C GLU A 188 7.34 8.31 3.64
N ILE A 189 6.31 8.22 4.50
CA ILE A 189 5.18 9.15 4.49
C ILE A 189 5.20 10.11 5.68
N THR A 190 5.53 9.62 6.88
CA THR A 190 5.40 10.44 8.09
C THR A 190 6.68 10.60 8.89
N LYS A 191 7.76 9.92 8.52
CA LYS A 191 8.99 10.01 9.30
C LYS A 191 9.63 11.39 9.10
N ASN A 192 9.64 12.19 10.17
CA ASN A 192 10.19 13.56 10.16
C ASN A 192 9.51 14.46 9.14
N ARG A 193 8.26 14.18 8.80
CA ARG A 193 7.51 15.13 7.98
C ARG A 193 6.04 14.83 8.14
N SER A 194 5.23 15.85 7.87
CA SER A 194 3.80 15.75 8.13
C SER A 194 2.99 16.35 6.97
N ASP A 195 3.60 16.50 5.80
CA ASP A 195 2.95 17.13 4.66
C ASP A 195 2.48 16.11 3.61
N LEU A 196 2.52 14.81 3.92
CA LEU A 196 2.20 13.77 2.95
C LEU A 196 1.04 12.91 3.41
N PHE A 197 0.24 12.46 2.45
CA PHE A 197 -0.86 11.54 2.68
C PHE A 197 -0.75 10.41 1.66
N LEU A 198 -0.98 9.20 2.12
CA LEU A 198 -1.11 8.03 1.25
C LEU A 198 -2.59 7.68 1.26
N ILE A 199 -3.18 7.63 0.06
CA ILE A 199 -4.62 7.53 -0.12
C ILE A 199 -4.92 6.32 -0.98
N GLY A 200 -5.95 5.56 -0.60
CA GLY A 200 -6.29 4.33 -1.30
C GLY A 200 -7.69 4.32 -1.90
N VAL A 201 -8.31 3.14 -1.88
CA VAL A 201 -9.54 2.89 -2.62
C VAL A 201 -10.64 3.86 -2.18
N LYS A 202 -11.24 4.55 -3.16
CA LYS A 202 -12.32 5.52 -2.95
C LYS A 202 -11.97 6.58 -1.92
N GLY A 203 -10.71 7.00 -1.89
CA GLY A 203 -10.35 8.14 -1.08
C GLY A 203 -10.11 7.83 0.37
N LYS A 204 -9.97 6.57 0.73
CA LYS A 204 -9.63 6.22 2.10
C LYS A 204 -8.20 6.67 2.42
N VAL A 205 -8.02 7.34 3.55
CA VAL A 205 -6.67 7.67 3.99
C VAL A 205 -6.03 6.41 4.53
N LEU A 206 -4.93 6.01 3.90
CA LEU A 206 -4.20 4.83 4.34
C LEU A 206 -3.17 5.22 5.39
N LEU A 207 -2.55 6.37 5.21
CA LEU A 207 -1.52 6.77 6.13
C LEU A 207 -1.33 8.28 6.05
N SER A 208 -1.22 8.89 7.21
CA SER A 208 -0.94 10.31 7.27
C SER A 208 -0.37 10.61 8.64
N ALA A 209 0.22 11.80 8.78
CA ALA A 209 0.83 12.17 10.04
C ALA A 209 -0.19 12.23 11.17
N ASN A 210 -1.42 12.64 10.86
CA ASN A 210 -2.52 12.58 11.82
C ASN A 210 -3.04 11.16 11.84
N LYS A 211 -2.74 10.42 12.91
CA LYS A 211 -3.09 8.99 12.96
C LYS A 211 -4.60 8.77 12.97
N SER A 212 -5.38 9.73 13.46
CA SER A 212 -6.82 9.54 13.54
C SER A 212 -7.49 9.53 12.18
N LEU A 213 -6.78 9.90 11.11
CA LEU A 213 -7.38 9.88 9.77
C LEU A 213 -7.34 8.50 9.13
N GLN A 214 -6.53 7.59 9.63
CA GLN A 214 -6.36 6.32 8.95
C GLN A 214 -7.69 5.58 8.83
N ASP A 215 -7.96 5.05 7.64
CA ASP A 215 -9.13 4.23 7.32
C ASP A 215 -10.39 5.08 7.18
N LYS A 216 -10.26 6.41 7.22
CA LYS A 216 -11.40 7.31 6.97
C LYS A 216 -11.33 7.86 5.56
N PRO A 217 -12.48 8.05 4.91
CA PRO A 217 -12.49 8.58 3.55
C PRO A 217 -12.26 10.08 3.54
N ILE A 218 -11.50 10.55 2.55
CA ILE A 218 -11.33 12.00 2.41
C ILE A 218 -12.68 12.70 2.22
N ALA A 219 -13.69 12.00 1.68
CA ALA A 219 -14.99 12.66 1.49
C ALA A 219 -15.60 13.07 2.82
N GLU A 220 -15.26 12.36 3.90
CA GLU A 220 -15.70 12.74 5.23
C GLU A 220 -14.77 13.77 5.87
N ILE A 221 -13.47 13.47 5.92
CA ILE A 221 -12.50 14.37 6.55
C ILE A 221 -12.59 15.75 5.94
N TYR A 222 -12.67 15.82 4.61
CA TYR A 222 -12.63 17.08 3.90
C TYR A 222 -13.99 17.44 3.32
N LYS A 223 -15.06 17.04 4.02
CA LYS A 223 -16.39 17.38 3.58
C LYS A 223 -16.63 18.89 3.57
N SER A 224 -15.82 19.65 4.31
CA SER A 224 -15.95 21.10 4.27
C SER A 224 -15.51 21.67 2.94
N VAL A 225 -14.80 20.92 2.10
CA VAL A 225 -14.35 21.46 0.81
C VAL A 225 -14.73 20.48 -0.30
N PRO A 226 -16.01 20.30 -0.59
CA PRO A 226 -16.40 19.21 -1.51
C PRO A 226 -15.86 19.39 -2.92
N LYS A 227 -15.68 20.62 -3.39
CA LYS A 227 -15.17 20.81 -4.74
C LYS A 227 -13.75 20.26 -4.88
N ALA A 228 -12.90 20.52 -3.88
CA ALA A 228 -11.53 20.03 -3.94
C ALA A 228 -11.49 18.52 -3.76
N THR A 229 -12.29 18.00 -2.84
CA THR A 229 -12.31 16.56 -2.56
C THR A 229 -12.86 15.76 -3.74
N ASN A 230 -13.95 16.25 -4.33
CA ASN A 230 -14.47 15.57 -5.51
C ASN A 230 -13.44 15.58 -6.64
N GLU A 231 -12.71 16.69 -6.79
CA GLU A 231 -11.62 16.72 -7.76
C GLU A 231 -10.54 15.68 -7.44
N VAL A 232 -10.17 15.52 -6.17
CA VAL A 232 -9.17 14.51 -5.81
C VAL A 232 -9.70 13.11 -6.09
N LEU A 233 -10.97 12.86 -5.76
CA LEU A 233 -11.57 11.55 -6.02
C LEU A 233 -11.63 11.25 -7.52
N THR A 234 -11.87 12.27 -8.33
CA THR A 234 -11.93 12.05 -9.77
C THR A 234 -10.56 11.67 -10.32
N ILE A 235 -9.52 12.37 -9.85
CA ILE A 235 -8.15 12.06 -10.24
C ILE A 235 -7.77 10.67 -9.76
N LEU A 236 -8.21 10.30 -8.56
CA LEU A 236 -7.93 8.96 -8.07
C LEU A 236 -8.55 7.91 -8.98
N GLU A 237 -9.80 8.11 -9.39
CA GLU A 237 -10.47 7.13 -10.24
C GLU A 237 -9.86 7.09 -11.63
N ASN A 238 -9.45 8.24 -12.15
CA ASN A 238 -8.99 8.35 -13.52
C ASN A 238 -7.50 8.09 -13.66
N GLY A 239 -6.78 7.93 -12.56
CA GLY A 239 -5.38 7.54 -12.64
C GLY A 239 -4.49 8.66 -13.12
N SER A 240 -4.77 9.89 -12.70
CA SER A 240 -4.06 11.06 -13.20
C SER A 240 -3.21 11.73 -12.11
N LYS A 241 -2.99 13.05 -12.26
CA LYS A 241 -2.27 13.85 -11.27
C LYS A 241 -2.66 15.30 -11.49
N ALA A 242 -2.54 16.11 -10.44
CA ALA A 242 -2.98 17.50 -10.53
C ALA A 242 -2.50 18.31 -9.33
N THR A 243 -2.66 19.62 -9.44
CA THR A 243 -2.52 20.54 -8.33
C THR A 243 -3.81 21.33 -8.18
N LEU A 244 -4.04 21.82 -6.96
CA LEU A 244 -5.21 22.62 -6.65
C LEU A 244 -4.96 23.33 -5.34
N GLU A 245 -5.95 24.11 -4.89
CA GLU A 245 -5.94 24.83 -3.62
C GLU A 245 -7.19 24.48 -2.85
N TYR A 246 -7.10 24.54 -1.52
CA TYR A 246 -8.27 24.28 -0.68
C TYR A 246 -8.03 24.89 0.70
N LEU A 247 -9.11 25.23 1.39
CA LEU A 247 -9.05 25.70 2.77
C LEU A 247 -8.94 24.48 3.69
N ASP A 248 -7.83 24.35 4.38
CA ASP A 248 -7.60 23.14 5.17
C ASP A 248 -8.44 23.20 6.44
N PRO A 249 -9.17 22.14 6.77
CA PRO A 249 -10.09 22.22 7.92
C PRO A 249 -9.41 22.08 9.26
N PHE A 250 -8.15 21.65 9.31
CA PHE A 250 -7.44 21.56 10.57
C PHE A 250 -6.72 22.86 10.90
N SER A 251 -6.01 23.43 9.93
CA SER A 251 -5.29 24.68 10.13
C SER A 251 -6.18 25.91 9.93
N HIS A 252 -7.28 25.77 9.19
CA HIS A 252 -8.10 26.90 8.72
C HIS A 252 -7.29 27.87 7.87
N LYS A 253 -6.26 27.37 7.18
CA LYS A 253 -5.48 28.13 6.22
C LYS A 253 -5.53 27.46 4.85
N GLU A 254 -5.46 28.27 3.81
CA GLU A 254 -5.44 27.72 2.46
C GLU A 254 -4.10 27.03 2.19
N ASN A 255 -4.18 25.85 1.59
CA ASN A 255 -3.02 25.07 1.21
C ASN A 255 -2.96 24.91 -0.29
N PHE A 256 -1.74 24.87 -0.80
CA PHE A 256 -1.46 24.24 -2.08
C PHE A 256 -1.47 22.73 -1.90
N LEU A 257 -1.90 22.02 -2.95
CA LEU A 257 -2.08 20.58 -2.90
C LEU A 257 -1.63 19.98 -4.23
N ALA A 258 -0.70 19.02 -4.17
CA ALA A 258 -0.36 18.22 -5.34
C ALA A 258 -0.75 16.77 -5.03
N VAL A 259 -1.34 16.10 -6.02
CA VAL A 259 -1.68 14.68 -5.90
C VAL A 259 -1.17 13.95 -7.12
N GLU A 260 -0.83 12.67 -6.93
CA GLU A 260 -0.36 11.83 -8.01
C GLU A 260 -0.74 10.39 -7.70
N THR A 261 -1.29 9.69 -8.69
CA THR A 261 -1.67 8.29 -8.56
C THR A 261 -0.57 7.41 -9.10
N PHE A 262 -0.64 6.13 -8.70
CA PHE A 262 0.18 5.08 -9.29
C PHE A 262 -0.55 3.75 -9.08
N LYS A 263 -0.28 2.80 -9.95
CA LYS A 263 -0.92 1.47 -9.87
C LYS A 263 -0.35 0.68 -8.70
N MET A 264 -1.21 0.32 -7.74
CA MET A 264 -0.72 -0.26 -6.51
C MET A 264 -0.06 -1.62 -6.76
N LEU A 265 -0.62 -2.43 -7.66
CA LEU A 265 0.01 -3.69 -8.05
C LEU A 265 0.96 -3.54 -9.24
N GLY A 266 1.21 -2.30 -9.68
CA GLY A 266 2.16 -2.08 -10.75
C GLY A 266 1.60 -2.42 -12.12
N LYS A 267 2.51 -2.84 -13.00
CA LYS A 267 2.11 -3.25 -14.35
C LYS A 267 1.31 -4.55 -14.37
N ALA A 268 1.26 -5.27 -13.25
CA ALA A 268 0.58 -6.56 -13.19
C ALA A 268 -0.90 -6.41 -13.54
N GLU A 269 -1.34 -7.24 -14.48
CA GLU A 269 -2.71 -7.18 -15.00
C GLU A 269 -3.65 -7.91 -14.06
N SER A 270 -4.67 -7.20 -13.57
CA SER A 270 -5.61 -7.76 -12.60
C SER A 270 -6.74 -6.76 -12.40
N LYS A 271 -7.96 -7.30 -12.21
CA LYS A 271 -9.09 -6.46 -11.89
C LYS A 271 -8.94 -5.78 -10.52
N ASP A 272 -8.09 -6.33 -9.65
CA ASP A 272 -7.84 -5.76 -8.33
C ASP A 272 -6.80 -4.66 -8.33
N ASN A 273 -6.11 -4.42 -9.46
CA ASN A 273 -5.05 -3.41 -9.55
C ASN A 273 -5.68 -2.04 -9.76
N LEU A 274 -5.84 -1.30 -8.67
CA LEU A 274 -6.43 0.02 -8.69
C LEU A 274 -5.35 1.04 -8.33
N ASN A 275 -5.73 2.32 -8.37
CA ASN A 275 -4.79 3.39 -8.06
C ASN A 275 -4.69 3.64 -6.56
N TRP A 276 -3.46 3.75 -6.08
CA TRP A 276 -3.15 4.47 -4.86
C TRP A 276 -2.73 5.89 -5.23
N MET A 277 -2.59 6.75 -4.23
CA MET A 277 -2.34 8.16 -4.48
C MET A 277 -1.51 8.71 -3.34
N ILE A 278 -0.55 9.56 -3.65
CA ILE A 278 0.15 10.33 -2.63
C ILE A 278 -0.21 11.79 -2.83
N ALA A 279 -0.51 12.46 -1.72
CA ALA A 279 -0.85 13.89 -1.69
C ALA A 279 0.22 14.64 -0.90
N LEU A 280 0.59 15.83 -1.39
CA LEU A 280 1.55 16.72 -0.73
C LEU A 280 0.95 18.10 -0.54
N ILE A 281 1.11 18.69 0.65
CA ILE A 281 0.52 19.99 0.92
C ILE A 281 1.60 20.99 1.34
N ILE A 282 1.37 22.26 1.00
CA ILE A 282 2.16 23.40 1.44
C ILE A 282 1.16 24.50 1.80
N GLU A 283 1.33 25.11 2.97
CA GLU A 283 0.47 26.22 3.36
C GLU A 283 0.82 27.47 2.54
N LYS A 284 -0.20 28.08 1.92
CA LYS A 284 0.05 29.24 1.05
C LYS A 284 0.74 30.36 1.78
N ASP A 285 0.29 30.66 3.01
CA ASP A 285 0.88 31.78 3.75
C ASP A 285 2.38 31.59 3.91
N LYS A 286 2.83 30.36 4.14
CA LYS A 286 4.26 30.13 4.30
C LYS A 286 5.04 30.45 3.03
N VAL A 287 4.48 30.16 1.85
CA VAL A 287 5.13 30.55 0.60
C VAL A 287 5.23 32.06 0.51
N TYR A 288 4.11 32.75 0.73
CA TYR A 288 4.11 34.21 0.57
C TYR A 288 4.82 34.90 1.73
N GLU A 289 4.83 34.30 2.92
CA GLU A 289 5.55 34.91 4.04
C GLU A 289 7.04 35.03 3.74
N GLN A 290 7.59 34.13 2.92
CA GLN A 290 9.00 34.17 2.59
C GLN A 290 9.36 35.38 1.72
N VAL A 291 8.37 36.02 1.11
CA VAL A 291 8.63 37.24 0.34
C VAL A 291 8.01 38.44 1.05
N1 IND B . -5.76 16.79 1.38
C2 IND B . -5.41 15.47 1.27
C3 IND B . -6.38 14.72 0.60
C4 IND B . -8.58 15.59 -0.38
C5 IND B . -9.37 16.72 -0.56
C6 IND B . -8.99 17.96 -0.08
C7 IND B . -7.79 18.11 0.59
C8 IND B . -6.95 17.02 0.79
C9 IND B . -7.36 15.72 0.28
C1 EDO C . 3.35 -12.48 21.92
O1 EDO C . 4.35 -11.58 21.39
C2 EDO C . 3.97 -13.86 22.08
O2 EDO C . 4.27 -14.38 20.78
C1 EDO D . 3.75 -7.08 15.55
O1 EDO D . 3.54 -8.39 16.09
C2 EDO D . 5.06 -6.51 16.08
O2 EDO D . 6.17 -7.03 15.32
C1 EDO E . 10.93 -9.61 12.84
O1 EDO E . 10.07 -8.52 13.17
C2 EDO E . 12.38 -9.18 13.05
O2 EDO E . 12.60 -7.95 12.36
C1 EDO F . -16.15 16.73 -10.25
O1 EDO F . -14.87 16.86 -9.60
C2 EDO F . -16.64 15.29 -10.14
O2 EDO F . -15.89 14.46 -11.04
C1 EDO G . 11.52 12.00 1.01
O1 EDO G . 12.36 11.00 0.40
C2 EDO G . 11.84 12.26 2.46
O2 EDO G . 10.68 12.02 3.25
#